data_5ZYJ
#
_entry.id   5ZYJ
#
_cell.length_a   59.989
_cell.length_b   59.989
_cell.length_c   152.981
_cell.angle_alpha   90.000
_cell.angle_beta   90.000
_cell.angle_gamma   90.000
#
_symmetry.space_group_name_H-M   'P 41 21 2'
#
loop_
_entity.id
_entity.type
_entity.pdbx_description
1 polymer 'LIPID-TRANSFER PROTEIN CERT'
2 non-polymer 2-[4-[4-pentyl-3-[(1~{S},2~{R})-2-pyridin-2-ylcyclopropyl]phenyl]phenyl]sulfonylethanol
3 non-polymer GLYCEROL
4 water water
#
_entity_poly.entity_id   1
_entity_poly.type   'polypeptide(L)'
_entity_poly.pdbx_seq_one_letter_code
;GPTHRFVQKVEEMVQNHMTYSLQDVGGDANWQLVVEEGEMKVYRREVEENGIVLDPLKATHAVKGVTGHEVCNYFWNVDV
RNDWETTIENFHVVETLADNAIIIYQTHKRVWPASQRDVLYLSVIRKIPALTENDPETWIVCNFSVDHDSAPLNNRCVRA
KINVAMICQTLVSPPEGNQEISRDNILCKITYVANVNPGGWAPASVLRAVAKREYPKFLKRFTSYVQEKTAGKPILF
;
_entity_poly.pdbx_strand_id   A
#
loop_
_chem_comp.id
_chem_comp.type
_chem_comp.name
_chem_comp.formula
9ML non-polymer 2-[4-[4-pentyl-3-[(1~{S},2~{R})-2-pyridin-2-ylcyclopropyl]phenyl]phenyl]sulfonylethanol 'C27 H31 N O3 S'
GOL non-polymer GLYCEROL 'C3 H8 O3'
#
# COMPACT_ATOMS: atom_id res chain seq x y z
N THR A 3 13.09 7.98 18.65
CA THR A 3 12.37 9.28 18.51
C THR A 3 10.91 9.21 19.02
N HIS A 4 9.93 8.86 18.17
CA HIS A 4 8.55 8.77 18.64
C HIS A 4 8.17 7.47 19.35
N ARG A 5 6.99 7.45 19.91
CA ARG A 5 6.55 6.30 20.69
C ARG A 5 6.24 5.01 19.91
N PHE A 6 6.26 5.08 18.59
CA PHE A 6 5.93 3.92 17.75
C PHE A 6 7.19 3.33 17.06
N VAL A 7 8.35 3.89 17.35
CA VAL A 7 9.59 3.46 16.67
C VAL A 7 9.83 1.95 16.67
N GLN A 8 9.59 1.29 17.80
CA GLN A 8 9.84 -0.14 17.91
C GLN A 8 8.78 -0.97 17.13
N LYS A 9 7.53 -0.58 17.27
CA LYS A 9 6.49 -1.21 16.50
C LYS A 9 6.74 -1.04 14.95
N VAL A 10 7.08 0.16 14.53
CA VAL A 10 7.42 0.38 13.15
C VAL A 10 8.53 -0.54 12.64
N GLU A 11 9.64 -0.58 13.40
CA GLU A 11 10.74 -1.50 13.10
C GLU A 11 10.26 -2.94 12.95
N GLU A 12 9.46 -3.36 13.88
CA GLU A 12 8.92 -4.66 13.77
C GLU A 12 8.03 -4.90 12.51
N MET A 13 7.16 -3.94 12.14
CA MET A 13 6.30 -4.15 10.97
C MET A 13 7.15 -4.10 9.73
N VAL A 14 8.11 -3.23 9.71
CA VAL A 14 8.94 -3.09 8.53
C VAL A 14 9.81 -4.35 8.32
N GLN A 15 10.33 -4.87 9.41
CA GLN A 15 11.19 -6.05 9.31
C GLN A 15 10.38 -7.31 8.94
N ASN A 16 9.15 -7.49 9.46
CA ASN A 16 8.28 -8.59 9.00
C ASN A 16 7.97 -8.52 7.52
N HIS A 17 7.66 -7.34 7.00
CA HIS A 17 7.51 -7.23 5.56
C HIS A 17 8.77 -7.52 4.76
N MET A 18 9.92 -7.06 5.21
CA MET A 18 11.16 -7.35 4.42
C MET A 18 11.48 -8.86 4.40
N THR A 19 11.14 -9.53 5.48
CA THR A 19 11.38 -10.98 5.67
C THR A 19 10.37 -11.83 4.92
N TYR A 20 9.09 -11.47 4.98
CA TYR A 20 8.04 -12.29 4.44
C TYR A 20 7.38 -11.73 3.20
N SER A 21 7.19 -10.43 3.14
CA SER A 21 6.34 -9.94 2.08
C SER A 21 7.02 -9.91 0.78
N LEU A 22 8.34 -9.71 0.79
CA LEU A 22 9.10 -9.69 -0.45
C LEU A 22 9.22 -10.99 -1.16
N GLN A 23 9.13 -12.11 -0.44
CA GLN A 23 9.32 -13.43 -1.07
C GLN A 23 8.48 -13.59 -2.34
N ASP A 24 9.13 -14.14 -3.36
CA ASP A 24 8.47 -14.42 -4.62
C ASP A 24 7.42 -15.52 -4.44
N VAL A 25 6.24 -15.30 -5.03
CA VAL A 25 5.16 -16.28 -4.89
C VAL A 25 4.82 -17.00 -6.23
N GLY A 26 5.58 -16.73 -7.30
CA GLY A 26 5.36 -17.45 -8.60
C GLY A 26 5.39 -18.96 -8.43
N GLY A 27 6.31 -19.45 -7.59
CA GLY A 27 6.44 -20.90 -7.31
C GLY A 27 5.57 -21.36 -6.14
N ASP A 28 4.70 -20.48 -5.61
CA ASP A 28 3.90 -20.89 -4.37
C ASP A 28 2.42 -21.03 -4.72
N ALA A 29 1.97 -22.30 -4.85
CA ALA A 29 0.55 -22.66 -5.12
C ALA A 29 -0.46 -22.18 -4.05
N ASN A 30 0.03 -21.75 -2.90
CA ASN A 30 -0.87 -21.24 -1.84
C ASN A 30 -1.46 -19.92 -2.21
N TRP A 31 -0.78 -19.20 -3.10
CA TRP A 31 -1.28 -17.92 -3.65
C TRP A 31 -2.09 -18.12 -4.89
N GLN A 32 -3.29 -17.61 -4.92
CA GLN A 32 -4.02 -17.75 -6.13
C GLN A 32 -3.76 -16.56 -7.03
N LEU A 33 -3.28 -16.78 -8.27
CA LEU A 33 -3.07 -15.67 -9.22
C LEU A 33 -4.46 -15.28 -9.80
N VAL A 34 -4.94 -14.06 -9.56
CA VAL A 34 -6.33 -13.71 -9.87
C VAL A 34 -6.40 -12.88 -11.14
N VAL A 35 -5.44 -11.98 -11.32
CA VAL A 35 -5.43 -11.02 -12.43
C VAL A 35 -3.98 -10.83 -12.88
N GLU A 36 -3.71 -10.96 -14.19
CA GLU A 36 -2.40 -10.53 -14.72
C GLU A 36 -2.61 -9.54 -15.86
N GLU A 37 -1.86 -8.45 -15.85
CA GLU A 37 -1.90 -7.47 -16.94
C GLU A 37 -0.42 -7.08 -17.17
N GLY A 38 0.29 -7.83 -18.00
CA GLY A 38 1.73 -7.61 -18.18
C GLY A 38 2.58 -8.04 -16.97
N GLU A 39 3.38 -7.10 -16.48
CA GLU A 39 4.20 -7.28 -15.26
C GLU A 39 3.37 -7.14 -13.98
N MET A 40 2.16 -6.54 -14.12
CA MET A 40 1.19 -6.48 -13.02
C MET A 40 0.51 -7.83 -12.74
N LYS A 41 0.82 -8.40 -11.58
CA LYS A 41 0.34 -9.71 -11.23
C LYS A 41 -0.30 -9.59 -9.84
N VAL A 42 -1.56 -9.95 -9.69
CA VAL A 42 -2.30 -9.72 -8.44
C VAL A 42 -2.84 -11.06 -7.96
N TYR A 43 -2.50 -11.40 -6.73
CA TYR A 43 -2.79 -12.67 -6.16
C TYR A 43 -3.60 -12.45 -4.88
N ARG A 44 -4.35 -13.46 -4.49
CA ARG A 44 -5.02 -13.49 -3.18
C ARG A 44 -5.00 -14.88 -2.52
N ARG A 45 -5.23 -14.93 -1.20
CA ARG A 45 -5.60 -16.15 -0.55
C ARG A 45 -7.01 -15.97 -0.04
N GLU A 46 -7.78 -17.04 -0.12
CA GLU A 46 -9.17 -16.95 0.26
C GLU A 46 -9.21 -17.29 1.75
N VAL A 47 -9.42 -16.29 2.60
CA VAL A 47 -9.41 -16.48 4.08
C VAL A 47 -10.64 -15.83 4.70
N GLU A 48 -11.30 -16.49 5.62
CA GLU A 48 -12.41 -15.85 6.36
C GLU A 48 -12.21 -16.07 7.84
N GLU A 49 -12.47 -15.07 8.64
CA GLU A 49 -12.45 -15.30 10.12
C GLU A 49 -13.90 -14.95 10.58
N ASN A 50 -14.53 -15.88 11.27
CA ASN A 50 -15.93 -15.80 11.70
C ASN A 50 -16.84 -15.27 10.59
N GLY A 51 -16.74 -15.80 9.39
CA GLY A 51 -17.54 -15.31 8.27
C GLY A 51 -17.15 -13.95 7.70
N ILE A 52 -16.13 -13.33 8.24
CA ILE A 52 -15.68 -12.10 7.62
C ILE A 52 -14.58 -12.43 6.60
N VAL A 53 -14.70 -11.95 5.38
CA VAL A 53 -13.58 -12.06 4.41
C VAL A 53 -12.35 -11.24 4.81
N LEU A 54 -11.19 -11.88 4.95
CA LEU A 54 -9.91 -11.22 5.19
C LEU A 54 -8.97 -11.36 4.02
N ASP A 55 -9.37 -12.08 2.96
CA ASP A 55 -8.44 -12.38 1.84
C ASP A 55 -7.15 -11.54 1.72
N PRO A 56 -5.97 -12.07 2.18
CA PRO A 56 -4.68 -11.43 1.92
C PRO A 56 -4.54 -11.12 0.39
N LEU A 57 -4.12 -9.89 0.08
CA LEU A 57 -3.80 -9.45 -1.27
C LEU A 57 -2.30 -9.29 -1.40
N LYS A 58 -1.75 -9.76 -2.52
CA LYS A 58 -0.34 -9.56 -2.76
C LYS A 58 -0.22 -9.39 -4.27
N ALA A 59 0.52 -8.38 -4.67
CA ALA A 59 0.68 -7.98 -6.06
C ALA A 59 2.17 -7.65 -6.33
N THR A 60 2.63 -7.91 -7.55
CA THR A 60 3.95 -7.38 -8.00
C THR A 60 3.70 -6.57 -9.29
N HIS A 61 4.63 -5.68 -9.58
CA HIS A 61 4.49 -4.86 -10.73
C HIS A 61 5.92 -4.43 -11.08
N ALA A 62 6.08 -3.95 -12.30
CA ALA A 62 7.41 -3.49 -12.76
C ALA A 62 7.12 -2.27 -13.61
N VAL A 63 7.58 -1.10 -13.17
CA VAL A 63 7.14 0.15 -13.68
C VAL A 63 8.37 0.85 -14.27
N LYS A 64 8.34 1.09 -15.58
CA LYS A 64 9.49 1.75 -16.23
C LYS A 64 9.61 3.20 -15.86
N GLY A 65 10.83 3.69 -15.66
CA GLY A 65 11.01 5.09 -15.60
C GLY A 65 10.92 5.83 -14.28
N VAL A 66 10.74 5.12 -13.17
CA VAL A 66 10.61 5.79 -11.86
C VAL A 66 11.45 4.92 -10.97
N THR A 67 11.86 5.54 -9.86
CA THR A 67 12.56 4.87 -8.81
C THR A 67 11.63 4.46 -7.65
N GLY A 68 12.12 3.54 -6.83
CA GLY A 68 11.53 3.13 -5.59
C GLY A 68 11.36 4.30 -4.66
N HIS A 69 12.40 5.14 -4.63
CA HIS A 69 12.31 6.25 -3.72
C HIS A 69 11.13 7.15 -4.18
N GLU A 70 11.00 7.35 -5.46
CA GLU A 70 9.96 8.23 -6.00
C GLU A 70 8.59 7.59 -5.80
N VAL A 71 8.44 6.32 -6.17
CA VAL A 71 7.16 5.62 -6.00
C VAL A 71 6.74 5.73 -4.49
N CYS A 72 7.68 5.48 -3.58
CA CYS A 72 7.34 5.52 -2.14
C CYS A 72 7.01 6.93 -1.61
N ASN A 73 7.76 7.98 -2.06
CA ASN A 73 7.39 9.37 -1.72
C ASN A 73 5.92 9.72 -2.13
N TYR A 74 5.58 9.33 -3.35
CA TYR A 74 4.23 9.64 -3.86
C TYR A 74 3.15 8.85 -3.14
N PHE A 75 3.46 7.60 -2.81
CA PHE A 75 2.52 6.80 -2.06
C PHE A 75 2.31 7.39 -0.65
N TRP A 76 3.40 7.87 -0.04
CA TRP A 76 3.38 8.30 1.33
C TRP A 76 2.86 9.77 1.48
N ASN A 77 3.16 10.59 0.49
CA ASN A 77 3.04 12.08 0.69
C ASN A 77 1.56 12.49 0.71
N VAL A 78 1.04 12.83 1.88
CA VAL A 78 -0.44 13.05 1.96
C VAL A 78 -0.91 14.14 1.00
N ASP A 79 -0.01 15.05 0.65
CA ASP A 79 -0.42 16.20 -0.17
C ASP A 79 -0.77 15.82 -1.60
N VAL A 80 -0.43 14.62 -2.05
CA VAL A 80 -0.83 14.24 -3.42
C VAL A 80 -1.87 13.13 -3.43
N ARG A 81 -2.37 12.76 -2.24
CA ARG A 81 -3.35 11.68 -2.09
C ARG A 81 -4.51 11.81 -3.03
N ASN A 82 -5.14 12.99 -3.10
CA ASN A 82 -6.31 13.17 -4.00
C ASN A 82 -6.00 13.11 -5.50
N ASP A 83 -4.75 13.18 -5.87
CA ASP A 83 -4.46 13.03 -7.27
C ASP A 83 -4.52 11.61 -7.71
N TRP A 84 -4.45 10.63 -6.79
CA TRP A 84 -4.50 9.25 -7.27
C TRP A 84 -5.58 8.37 -6.61
N GLU A 85 -5.93 8.66 -5.37
CA GLU A 85 -6.93 7.91 -4.60
CA GLU A 85 -6.91 7.83 -4.68
C GLU A 85 -8.26 8.10 -5.31
N THR A 86 -9.03 7.03 -5.50
CA THR A 86 -10.40 7.18 -6.00
C THR A 86 -11.46 6.65 -5.00
N THR A 87 -11.04 6.02 -3.90
CA THR A 87 -12.00 5.37 -3.01
C THR A 87 -12.20 6.04 -1.64
N ILE A 88 -11.54 7.16 -1.43
CA ILE A 88 -11.52 7.87 -0.12
C ILE A 88 -12.58 8.99 -0.17
N GLU A 89 -13.45 9.04 0.84
CA GLU A 89 -14.35 10.18 1.01
C GLU A 89 -13.64 11.28 1.74
N ASN A 90 -13.01 10.92 2.87
CA ASN A 90 -12.35 11.92 3.70
C ASN A 90 -11.05 11.39 4.32
N PHE A 91 -10.07 12.26 4.60
CA PHE A 91 -8.94 11.84 5.40
C PHE A 91 -8.46 13.07 6.22
N HIS A 92 -7.98 12.76 7.39
CA HIS A 92 -7.40 13.80 8.30
C HIS A 92 -6.07 13.26 8.78
N VAL A 93 -4.99 14.05 8.76
CA VAL A 93 -3.78 13.67 9.53
C VAL A 93 -4.03 13.86 11.02
N VAL A 94 -4.10 12.80 11.77
CA VAL A 94 -4.34 12.88 13.21
C VAL A 94 -3.14 13.32 14.04
N GLU A 95 -1.96 12.93 13.61
CA GLU A 95 -0.77 13.15 14.46
C GLU A 95 0.45 13.04 13.57
N THR A 96 1.39 13.97 13.73
CA THR A 96 2.67 13.91 13.06
C THR A 96 3.67 13.30 14.05
N LEU A 97 4.22 12.14 13.73
CA LEU A 97 5.16 11.51 14.66
C LEU A 97 6.62 11.87 14.34
N ALA A 98 6.97 12.01 13.07
CA ALA A 98 8.36 12.31 12.71
C ALA A 98 8.28 12.77 11.30
N ASP A 99 9.41 13.13 10.66
CA ASP A 99 9.22 13.58 9.28
CA ASP A 99 9.45 13.54 9.28
C ASP A 99 8.97 12.41 8.34
N ASN A 100 9.03 11.18 8.82
CA ASN A 100 8.76 10.04 7.92
C ASN A 100 7.57 9.23 8.45
N ALA A 101 6.85 9.72 9.50
CA ALA A 101 5.77 8.96 10.05
C ALA A 101 4.62 9.81 10.62
N ILE A 102 3.42 9.48 10.16
CA ILE A 102 2.18 10.11 10.60
C ILE A 102 1.10 9.09 10.88
N ILE A 103 0.06 9.56 11.55
CA ILE A 103 -1.13 8.74 11.86
C ILE A 103 -2.29 9.43 11.16
N ILE A 104 -3.03 8.66 10.36
CA ILE A 104 -4.05 9.16 9.46
C ILE A 104 -5.39 8.53 9.79
N TYR A 105 -6.45 9.34 9.73
CA TYR A 105 -7.81 8.79 9.76
C TYR A 105 -8.43 8.96 8.36
N GLN A 106 -9.14 7.93 7.83
CA GLN A 106 -9.79 8.20 6.51
C GLN A 106 -11.04 7.40 6.42
N THR A 107 -11.97 7.88 5.60
CA THR A 107 -13.20 7.15 5.35
C THR A 107 -13.22 6.76 3.91
N HIS A 108 -13.64 5.50 3.63
CA HIS A 108 -13.82 5.09 2.23
C HIS A 108 -15.26 5.29 1.70
N LYS A 109 -15.36 5.59 0.41
CA LYS A 109 -16.66 5.63 -0.24
C LYS A 109 -17.43 4.33 0.01
N ARG A 110 -18.73 4.46 0.30
CA ARG A 110 -19.53 3.28 0.56
C ARG A 110 -19.65 2.45 -0.71
N VAL A 111 -19.58 1.12 -0.61
CA VAL A 111 -19.97 0.30 -1.73
C VAL A 111 -21.29 -0.43 -1.32
N TRP A 112 -22.43 0.07 -1.83
CA TRP A 112 -23.73 -0.56 -1.57
C TRP A 112 -23.62 -2.07 -1.80
N PRO A 113 -24.19 -2.93 -0.93
CA PRO A 113 -25.02 -2.48 0.20
C PRO A 113 -24.25 -2.52 1.54
N ALA A 114 -22.92 -2.54 1.49
CA ALA A 114 -22.13 -2.67 2.72
C ALA A 114 -22.16 -1.30 3.44
N SER A 115 -22.05 -1.32 4.75
CA SER A 115 -21.90 -0.02 5.41
C SER A 115 -20.50 0.57 5.16
N GLN A 116 -20.38 1.89 5.26
CA GLN A 116 -19.11 2.53 5.04
C GLN A 116 -18.05 2.07 6.13
N ARG A 117 -16.81 2.04 5.66
CA ARG A 117 -15.64 1.72 6.53
C ARG A 117 -14.77 2.99 6.76
N ASP A 118 -14.26 3.11 8.00
CA ASP A 118 -13.16 4.02 8.25
C ASP A 118 -11.92 3.25 8.78
N VAL A 119 -10.81 3.93 8.78
CA VAL A 119 -9.51 3.31 9.09
C VAL A 119 -8.68 4.38 9.89
N LEU A 120 -7.87 3.88 10.82
CA LEU A 120 -6.92 4.72 11.60
C LEU A 120 -5.58 3.96 11.60
N TYR A 121 -4.61 4.55 10.93
CA TYR A 121 -3.43 3.83 10.72
C TYR A 121 -2.18 4.74 10.76
N LEU A 122 -1.09 4.14 11.20
CA LEU A 122 0.21 4.79 11.10
C LEU A 122 0.80 4.51 9.73
N SER A 123 1.35 5.53 9.10
CA SER A 123 1.95 5.46 7.77
C SER A 123 3.39 5.92 7.88
N VAL A 124 4.32 5.05 7.51
CA VAL A 124 5.74 5.35 7.71
C VAL A 124 6.50 4.99 6.42
N ILE A 125 7.45 5.83 6.04
CA ILE A 125 8.26 5.61 4.87
C ILE A 125 9.71 5.35 5.32
N ARG A 126 10.34 4.28 4.85
CA ARG A 126 11.71 3.89 5.32
C ARG A 126 12.59 3.46 4.15
N LYS A 127 13.88 3.81 4.22
CA LYS A 127 14.88 3.29 3.23
C LYS A 127 15.59 2.12 3.94
N ILE A 128 15.67 0.98 3.28
CA ILE A 128 16.37 -0.17 3.88
C ILE A 128 17.68 -0.41 3.11
N PRO A 129 18.83 -0.20 3.77
CA PRO A 129 20.04 -0.30 2.89
C PRO A 129 20.26 -1.74 2.47
N ALA A 130 20.87 -1.95 1.31
CA ALA A 130 21.21 -3.31 0.79
C ALA A 130 21.93 -4.29 1.74
N GLU A 133 26.12 -5.54 -0.57
CA GLU A 133 26.51 -4.81 -1.78
C GLU A 133 26.10 -5.57 -3.06
N ASN A 134 25.81 -6.87 -2.93
CA ASN A 134 25.24 -7.63 -4.06
C ASN A 134 23.70 -7.51 -4.14
N ASP A 135 23.10 -6.95 -3.10
CA ASP A 135 21.65 -6.86 -2.96
C ASP A 135 21.17 -5.48 -3.39
N PRO A 136 19.86 -5.33 -3.72
CA PRO A 136 19.32 -3.98 -3.96
C PRO A 136 18.99 -3.29 -2.63
N GLU A 137 19.12 -1.95 -2.58
CA GLU A 137 18.40 -1.21 -1.50
C GLU A 137 16.87 -1.23 -1.77
N THR A 138 16.11 -1.04 -0.70
CA THR A 138 14.66 -1.07 -0.78
C THR A 138 14.10 0.23 -0.21
N TRP A 139 13.02 0.73 -0.80
CA TRP A 139 12.26 1.75 -0.13
C TRP A 139 10.93 1.04 0.21
N ILE A 140 10.47 1.26 1.40
CA ILE A 140 9.19 0.75 1.82
C ILE A 140 8.23 1.78 2.46
N VAL A 141 6.93 1.70 2.13
CA VAL A 141 5.94 2.34 2.96
C VAL A 141 5.12 1.29 3.63
N CYS A 142 4.93 1.39 4.95
CA CYS A 142 4.01 0.58 5.67
C CYS A 142 2.93 1.39 6.31
N ASN A 143 1.71 0.95 6.06
CA ASN A 143 0.52 1.55 6.67
C ASN A 143 -0.16 0.50 7.51
N PHE A 144 -0.22 0.68 8.84
CA PHE A 144 -0.82 -0.30 9.68
C PHE A 144 -1.65 0.29 10.80
N SER A 145 -2.80 -0.34 11.08
CA SER A 145 -3.76 0.22 12.02
C SER A 145 -3.11 0.37 13.43
N VAL A 146 -3.41 1.50 14.08
CA VAL A 146 -3.05 1.79 15.45
C VAL A 146 -4.26 2.33 16.20
N ASP A 147 -4.20 2.33 17.52
CA ASP A 147 -5.24 3.00 18.29
C ASP A 147 -4.83 4.44 18.59
N HIS A 148 -5.80 5.33 18.69
CA HIS A 148 -5.49 6.72 19.01
C HIS A 148 -6.69 7.41 19.68
N ASP A 149 -6.44 8.25 20.68
CA ASP A 149 -7.52 9.04 21.33
C ASP A 149 -8.15 10.11 20.47
N SER A 150 -7.48 10.65 19.46
CA SER A 150 -8.17 11.66 18.61
C SER A 150 -8.89 11.10 17.40
N ALA A 151 -9.21 9.81 17.51
CA ALA A 151 -10.05 9.08 16.59
C ALA A 151 -11.44 9.73 16.56
N PRO A 152 -11.94 10.11 15.40
CA PRO A 152 -13.33 10.60 15.37
C PRO A 152 -14.45 9.59 15.71
N LEU A 153 -15.55 10.11 16.27
CA LEU A 153 -16.82 9.44 16.31
C LEU A 153 -17.42 9.50 14.89
N ASN A 154 -17.65 8.35 14.25
CA ASN A 154 -18.29 8.36 12.90
C ASN A 154 -19.27 7.13 12.90
N ASN A 155 -20.51 7.41 13.23
CA ASN A 155 -21.52 6.38 13.36
C ASN A 155 -21.99 5.88 12.00
N ARG A 156 -21.63 6.55 10.91
CA ARG A 156 -21.91 5.87 9.57
C ARG A 156 -20.91 4.69 9.33
N CYS A 157 -19.82 4.64 10.06
CA CYS A 157 -18.66 3.79 9.65
C CYS A 157 -18.35 2.60 10.57
N VAL A 158 -18.00 1.41 9.99
CA VAL A 158 -17.39 0.29 10.71
C VAL A 158 -15.90 0.46 10.54
N ARG A 159 -15.18 0.25 11.63
CA ARG A 159 -13.75 0.45 11.63
C ARG A 159 -12.99 -0.75 11.05
N ALA A 160 -12.30 -0.56 9.94
CA ALA A 160 -11.52 -1.63 9.33
C ALA A 160 -10.11 -1.54 9.92
N LYS A 161 -9.39 -2.66 9.89
CA LYS A 161 -7.99 -2.70 10.34
C LYS A 161 -7.13 -3.17 9.18
N ILE A 162 -5.99 -2.53 9.00
CA ILE A 162 -5.17 -2.79 7.81
C ILE A 162 -3.75 -3.00 8.19
N ASN A 163 -3.07 -3.80 7.37
CA ASN A 163 -1.62 -3.81 7.40
C ASN A 163 -1.18 -3.90 5.91
N VAL A 164 -0.67 -2.79 5.38
CA VAL A 164 -0.37 -2.65 3.94
C VAL A 164 1.12 -2.31 3.88
N ALA A 165 1.81 -2.85 2.87
CA ALA A 165 3.17 -2.38 2.56
C ALA A 165 3.30 -2.23 1.07
N MET A 166 3.98 -1.18 0.68
CA MET A 166 4.40 -0.96 -0.71
C MET A 166 5.94 -1.03 -0.73
N ILE A 167 6.50 -2.05 -1.35
CA ILE A 167 7.96 -2.30 -1.14
C ILE A 167 8.61 -2.18 -2.53
N CYS A 168 9.66 -1.38 -2.66
CA CYS A 168 10.15 -1.09 -4.02
C CYS A 168 11.64 -1.29 -4.14
N GLN A 169 12.07 -1.94 -5.25
CA GLN A 169 13.52 -2.12 -5.50
C GLN A 169 13.72 -1.59 -6.91
N THR A 170 14.89 -0.99 -7.15
CA THR A 170 15.05 -0.25 -8.35
C THR A 170 16.21 -0.85 -9.12
N LEU A 171 15.99 -1.04 -10.43
CA LEU A 171 17.03 -1.61 -11.32
C LEU A 171 17.44 -0.50 -12.21
N VAL A 172 18.74 -0.31 -12.37
CA VAL A 172 19.22 0.61 -13.35
C VAL A 172 20.03 -0.22 -14.34
N SER A 173 19.77 -0.08 -15.63
CA SER A 173 20.49 -0.89 -16.61
C SER A 173 21.44 0.04 -17.35
N PRO A 174 22.76 -0.15 -17.10
CA PRO A 174 23.98 0.65 -17.30
C PRO A 174 23.77 2.01 -18.02
N GLU A 180 25.20 9.74 -18.16
CA GLU A 180 24.11 10.31 -17.35
C GLU A 180 22.92 9.34 -17.44
N ILE A 181 22.67 8.60 -16.37
CA ILE A 181 21.47 7.75 -16.26
C ILE A 181 20.18 8.45 -16.66
N SER A 182 19.47 7.78 -17.57
CA SER A 182 18.19 8.23 -18.10
C SER A 182 16.98 7.52 -17.46
N ARG A 183 15.79 8.12 -17.50
CA ARG A 183 14.56 7.39 -17.07
C ARG A 183 14.30 6.11 -17.91
N ASP A 184 14.73 6.11 -19.17
CA ASP A 184 14.66 4.93 -20.06
C ASP A 184 15.41 3.78 -19.47
N ASN A 185 16.38 4.06 -18.60
CA ASN A 185 17.17 2.91 -18.12
C ASN A 185 16.77 2.45 -16.74
N ILE A 186 15.75 3.07 -16.15
CA ILE A 186 15.38 2.65 -14.78
C ILE A 186 14.04 1.83 -14.77
N LEU A 187 13.98 0.79 -13.94
CA LEU A 187 12.78 -0.02 -13.76
C LEU A 187 12.54 -0.10 -12.22
N CYS A 188 11.33 0.24 -11.75
CA CYS A 188 11.04 -0.01 -10.32
C CYS A 188 10.22 -1.31 -10.15
N LYS A 189 10.74 -2.27 -9.39
CA LYS A 189 9.95 -3.46 -9.04
C LYS A 189 9.23 -3.24 -7.75
N ILE A 190 7.90 -3.38 -7.76
CA ILE A 190 7.04 -3.25 -6.60
C ILE A 190 6.56 -4.62 -6.15
N THR A 191 6.50 -4.77 -4.85
CA THR A 191 5.68 -5.71 -4.22
C THR A 191 4.72 -4.93 -3.33
N TYR A 192 3.44 -5.22 -3.48
CA TYR A 192 2.41 -4.51 -2.71
C TYR A 192 1.59 -5.57 -1.97
N VAL A 193 1.47 -5.45 -0.65
CA VAL A 193 0.67 -6.40 0.06
C VAL A 193 -0.37 -5.64 0.89
N ALA A 194 -1.53 -6.23 1.07
CA ALA A 194 -2.60 -5.57 1.87
C ALA A 194 -3.36 -6.64 2.58
N ASN A 195 -3.36 -6.57 3.92
CA ASN A 195 -4.19 -7.44 4.69
C ASN A 195 -5.19 -6.56 5.39
N VAL A 196 -6.47 -6.71 5.07
CA VAL A 196 -7.52 -5.79 5.52
C VAL A 196 -8.55 -6.62 6.21
N ASN A 197 -8.77 -6.31 7.51
CA ASN A 197 -9.94 -6.81 8.21
C ASN A 197 -11.07 -5.72 8.08
N PRO A 198 -12.13 -6.02 7.34
CA PRO A 198 -13.14 -4.94 7.11
C PRO A 198 -14.04 -4.67 8.36
N GLY A 199 -13.93 -5.50 9.36
CA GLY A 199 -14.87 -5.53 10.49
C GLY A 199 -16.30 -5.86 10.11
N GLY A 200 -17.09 -6.00 11.15
CA GLY A 200 -18.52 -5.85 11.05
C GLY A 200 -19.04 -6.99 10.21
N TRP A 201 -20.03 -6.74 9.41
CA TRP A 201 -20.27 -7.81 8.54
C TRP A 201 -20.31 -7.12 7.22
N ALA A 202 -19.97 -7.81 6.16
CA ALA A 202 -20.23 -7.23 4.85
C ALA A 202 -20.40 -8.48 4.03
N PRO A 203 -21.27 -8.47 2.96
CA PRO A 203 -21.46 -9.70 2.20
C PRO A 203 -20.14 -10.10 1.65
N ALA A 204 -19.79 -11.39 1.77
CA ALA A 204 -18.50 -11.86 1.24
C ALA A 204 -18.41 -11.49 -0.25
N SER A 205 -19.51 -11.69 -1.02
CA SER A 205 -19.41 -11.35 -2.48
C SER A 205 -19.05 -9.91 -2.72
N VAL A 206 -19.55 -9.02 -1.89
CA VAL A 206 -19.25 -7.59 -2.09
C VAL A 206 -17.75 -7.36 -1.82
N LEU A 207 -17.27 -7.79 -0.66
CA LEU A 207 -15.83 -7.60 -0.29
C LEU A 207 -14.98 -8.09 -1.42
N ARG A 208 -15.24 -9.32 -1.89
CA ARG A 208 -14.42 -9.84 -2.95
C ARG A 208 -14.50 -9.17 -4.30
N ALA A 209 -15.67 -8.71 -4.69
CA ALA A 209 -15.78 -7.96 -5.96
C ALA A 209 -15.05 -6.62 -5.81
N VAL A 210 -15.13 -6.01 -4.64
CA VAL A 210 -14.49 -4.67 -4.50
C VAL A 210 -12.97 -4.91 -4.57
N ALA A 211 -12.43 -5.89 -3.82
CA ALA A 211 -10.99 -6.15 -3.95
C ALA A 211 -10.60 -6.41 -5.42
N LYS A 212 -11.39 -7.24 -6.09
CA LYS A 212 -10.97 -7.71 -7.37
C LYS A 212 -10.93 -6.58 -8.37
N ARG A 213 -11.87 -5.66 -8.22
CA ARG A 213 -11.94 -4.48 -9.10
C ARG A 213 -10.88 -3.41 -8.65
N GLU A 214 -10.87 -3.08 -7.37
CA GLU A 214 -10.21 -1.86 -6.93
C GLU A 214 -8.71 -2.04 -6.79
N TYR A 215 -8.21 -3.23 -6.46
CA TYR A 215 -6.70 -3.33 -6.34
C TYR A 215 -5.94 -3.14 -7.66
N PRO A 216 -6.33 -3.83 -8.75
CA PRO A 216 -5.66 -3.61 -10.06
C PRO A 216 -5.85 -2.21 -10.60
N LYS A 217 -7.04 -1.62 -10.35
CA LYS A 217 -7.27 -0.28 -10.78
C LYS A 217 -6.35 0.72 -10.06
N PHE A 218 -6.20 0.49 -8.75
CA PHE A 218 -5.31 1.29 -7.92
C PHE A 218 -3.85 1.16 -8.41
N LEU A 219 -3.37 -0.05 -8.65
CA LEU A 219 -2.00 -0.27 -9.06
C LEU A 219 -1.73 0.38 -10.44
N LYS A 220 -2.63 0.18 -11.39
CA LYS A 220 -2.50 0.87 -12.69
C LYS A 220 -2.52 2.33 -12.49
N ARG A 221 -3.48 2.80 -11.77
CA ARG A 221 -3.63 4.25 -11.68
C ARG A 221 -2.51 4.97 -10.94
N PHE A 222 -2.22 4.45 -9.77
CA PHE A 222 -1.15 4.98 -8.99
C PHE A 222 0.23 4.96 -9.71
N THR A 223 0.65 3.81 -10.26
CA THR A 223 1.92 3.73 -10.88
C THR A 223 1.96 4.65 -12.12
N SER A 224 0.85 4.80 -12.86
CA SER A 224 0.83 5.73 -14.02
C SER A 224 0.94 7.17 -13.58
N TYR A 225 0.26 7.51 -12.48
CA TYR A 225 0.44 8.81 -11.91
C TYR A 225 1.93 9.12 -11.55
N VAL A 226 2.66 8.12 -11.01
CA VAL A 226 4.06 8.42 -10.55
C VAL A 226 4.90 8.66 -11.86
N GLN A 227 4.67 7.85 -12.85
CA GLN A 227 5.35 7.99 -14.15
C GLN A 227 5.10 9.40 -14.71
N GLU A 228 3.84 9.78 -14.74
CA GLU A 228 3.42 11.07 -15.27
C GLU A 228 4.01 12.25 -14.49
N LYS A 229 3.96 12.23 -13.16
CA LYS A 229 4.46 13.34 -12.38
C LYS A 229 6.00 13.43 -12.40
N THR A 230 6.69 12.32 -12.62
CA THR A 230 8.14 12.41 -12.52
C THR A 230 8.83 12.64 -13.88
N ALA A 231 8.17 12.31 -14.99
CA ALA A 231 8.77 12.43 -16.35
C ALA A 231 9.34 13.84 -16.51
N GLY A 232 10.50 13.97 -17.14
CA GLY A 232 11.11 15.29 -17.26
C GLY A 232 11.66 15.89 -15.94
N LYS A 233 11.65 15.14 -14.84
CA LYS A 233 12.20 15.67 -13.61
C LYS A 233 13.52 14.94 -13.35
N PRO A 234 14.46 15.60 -12.65
CA PRO A 234 15.68 14.87 -12.32
C PRO A 234 15.33 13.63 -11.49
N ILE A 235 16.05 12.57 -11.75
CA ILE A 235 15.83 11.32 -11.02
C ILE A 235 16.19 11.34 -9.55
N LEU A 236 15.22 11.01 -8.73
CA LEU A 236 15.45 10.97 -7.30
C LEU A 236 15.66 9.52 -6.90
N PHE A 237 16.91 9.07 -6.89
CA PHE A 237 17.25 7.74 -6.44
C PHE A 237 17.06 7.61 -4.93
C12 9ML B . -5.68 1.44 2.72
C13 9ML B . -11.05 -3.39 0.81
C14 9ML B . -10.96 -3.32 -0.72
C15 9ML B . -9.57 0.25 -2.52
C17 9ML B . -9.28 -2.13 -2.21
C18 9ML B . -10.46 -2.13 -1.40
C19 9ML B . -10.71 0.19 -1.69
C20 9ML B . -3.52 3.50 0.42
N1 9ML B . -11.16 -0.98 -1.12
C5 9ML B . -9.36 -1.66 1.47
C6 9ML B . -8.92 -0.60 2.29
C7 9ML B . -5.11 1.19 1.49
C9 9ML B . -6.97 -0.19 0.80
O1 9ML B . -2.87 1.01 0.13
S1 9ML B . -3.51 1.81 1.16
O2 9ML B . -2.90 1.85 2.48
C21 9ML B . -4.09 4.52 1.43
O3 9ML B . -5.52 4.55 1.40
C8 9ML B . -5.69 0.36 0.51
C10 9ML B . -7.59 0.04 2.02
C11 9ML B . -6.97 0.86 2.97
C4 9ML B . -10.61 -2.28 1.74
C3 9ML B . -11.45 -1.80 2.77
C24 9ML B . -12.77 -2.46 3.11
C25 9ML B . -13.97 -1.60 2.63
C26 9ML B . -15.21 -2.48 2.88
C27 9ML B . -16.05 -2.43 1.62
C28 9ML B . -17.46 -2.77 2.08
C23 9ML B . -11.01 -0.77 3.60
C1 9ML B . -9.75 -0.15 3.34
C22 9ML B . -12.29 -3.38 -0.01
C16 9ML B . -8.87 -0.94 -2.79
C1 GOL C . 11.04 -7.49 -5.10
O1 GOL C . 11.56 -8.16 -6.24
C2 GOL C . 10.29 -6.27 -5.58
O2 GOL C . 9.17 -6.68 -6.35
C3 GOL C . 9.70 -5.53 -4.41
O3 GOL C . 10.31 -4.24 -4.37
#